data_2XT4
#
_entry.id   2XT4
#
_cell.length_a   58.532
_cell.length_b   65.623
_cell.length_c   105.917
_cell.angle_alpha   90.00
_cell.angle_beta   90.00
_cell.angle_gamma   90.00
#
_symmetry.space_group_name_H-M   'P 21 21 21'
#
loop_
_entity.id
_entity.type
_entity.pdbx_description
1 polymer 'MCBG-LIKE PROTEIN'
2 water water
#
_entity_poly.entity_id   1
_entity_poly.type   'polypeptide(L)'
_entity_poly.pdbx_seq_one_letter_code
;MPAKTLESKDYCGESFVSEDRSGQSLESIRFEDCTFRQCNFTEAELNRCKFRECEFVDCNLSLISIPQTSFMEVRFVDCK
MLGVNWTSAQAGALSFERCILNDSLFYGLYLAGVKMVECRIHDANFTEADCEDADFTQSDLKGSTFHNTKLTGASFIDAV
NYHIDIFHNDIKRARFSLPEAASLLNSLDIELSD
;
_entity_poly.pdbx_strand_id   A,B
#
# COMPACT_ATOMS: atom_id res chain seq x y z
N LYS A 9 -2.73 24.01 -48.27
CA LYS A 9 -2.13 23.24 -47.16
C LYS A 9 -2.72 23.50 -45.76
N ASP A 10 -3.82 24.26 -45.73
CA ASP A 10 -4.60 24.42 -44.51
C ASP A 10 -6.02 23.92 -44.79
N TYR A 11 -6.60 23.22 -43.82
CA TYR A 11 -7.93 22.61 -44.01
C TYR A 11 -8.88 22.82 -42.82
N CYS A 12 -10.03 23.42 -43.11
CA CYS A 12 -11.03 23.68 -42.10
C CYS A 12 -12.35 23.04 -42.52
N GLY A 13 -13.02 22.39 -41.57
CA GLY A 13 -14.38 21.92 -41.78
C GLY A 13 -14.59 20.94 -42.94
N GLU A 14 -13.67 19.99 -43.10
CA GLU A 14 -13.82 18.98 -44.13
C GLU A 14 -14.14 17.59 -43.56
N SER A 15 -14.79 16.77 -44.36
CA SER A 15 -14.95 15.38 -43.97
C SER A 15 -14.20 14.55 -45.01
N PHE A 16 -13.24 13.74 -44.56
CA PHE A 16 -12.44 12.93 -45.47
C PHE A 16 -12.88 11.49 -45.31
N VAL A 17 -13.20 10.84 -46.42
CA VAL A 17 -13.81 9.52 -46.37
C VAL A 17 -13.04 8.57 -47.26
N SER A 18 -12.66 7.42 -46.70
CA SER A 18 -11.86 6.37 -47.37
C SER A 18 -10.65 6.88 -48.18
N GLU A 19 -9.94 7.88 -47.65
CA GLU A 19 -8.66 8.30 -48.23
C GLU A 19 -7.52 7.37 -47.79
N ASP A 20 -6.63 7.05 -48.72
CA ASP A 20 -5.47 6.23 -48.40
C ASP A 20 -4.18 7.04 -48.51
N ARG A 21 -3.47 7.22 -47.40
CA ARG A 21 -2.17 7.87 -47.43
C ARG A 21 -1.11 7.02 -46.78
N SER A 22 -1.30 5.70 -46.80
CA SER A 22 -0.31 4.82 -46.18
C SER A 22 1.10 5.08 -46.71
N GLY A 23 2.02 5.18 -45.77
CA GLY A 23 3.43 5.21 -46.10
C GLY A 23 3.83 6.49 -46.80
N GLN A 24 2.99 7.51 -46.70
CA GLN A 24 3.32 8.78 -47.32
C GLN A 24 3.68 9.86 -46.31
N SER A 25 4.43 10.86 -46.77
CA SER A 25 4.89 11.95 -45.93
C SER A 25 4.04 13.17 -46.18
N LEU A 26 3.54 13.74 -45.11
CA LEU A 26 2.76 14.93 -45.20
C LEU A 26 3.47 16.00 -44.41
N GLU A 27 3.48 17.20 -44.95
CA GLU A 27 4.40 18.22 -44.49
C GLU A 27 3.76 19.52 -44.04
N SER A 28 3.81 19.83 -42.74
CA SER A 28 3.30 21.12 -42.24
C SER A 28 1.88 21.40 -42.72
N ILE A 29 0.98 20.48 -42.38
CA ILE A 29 -0.42 20.58 -42.75
C ILE A 29 -1.24 20.76 -41.50
N ARG A 30 -2.15 21.73 -41.59
CA ARG A 30 -2.99 22.10 -40.47
C ARG A 30 -4.43 21.68 -40.73
N PHE A 31 -5.00 20.88 -39.83
CA PHE A 31 -6.42 20.55 -39.93
C PHE A 31 -7.19 21.12 -38.77
N GLU A 32 -8.31 21.75 -39.08
CA GLU A 32 -9.19 22.23 -38.04
C GLU A 32 -10.56 21.80 -38.39
N ASP A 33 -11.27 21.23 -37.43
CA ASP A 33 -12.68 20.96 -37.63
C ASP A 33 -12.91 19.92 -38.73
N CYS A 34 -12.09 18.87 -38.77
CA CYS A 34 -12.12 17.88 -39.85
C CYS A 34 -12.46 16.48 -39.37
N THR A 35 -13.24 15.75 -40.17
CA THR A 35 -13.60 14.37 -39.87
C THR A 35 -12.81 13.45 -40.77
N PHE A 36 -12.34 12.34 -40.22
CA PHE A 36 -11.71 11.27 -41.00
C PHE A 36 -12.41 9.95 -40.78
N ARG A 37 -12.94 9.41 -41.88
CA ARG A 37 -13.70 8.17 -41.87
C ARG A 37 -13.05 7.16 -42.76
N GLN A 38 -12.74 6.00 -42.18
CA GLN A 38 -12.17 4.88 -42.90
C GLN A 38 -10.99 5.29 -43.74
N CYS A 39 -10.12 6.10 -43.16
CA CYS A 39 -8.94 6.54 -43.83
C CYS A 39 -7.76 5.69 -43.40
N ASN A 40 -6.92 5.32 -44.36
CA ASN A 40 -5.73 4.58 -44.06
C ASN A 40 -4.49 5.47 -43.99
N PHE A 41 -3.88 5.53 -42.81
CA PHE A 41 -2.62 6.24 -42.63
C PHE A 41 -1.49 5.35 -42.13
N THR A 42 -1.60 4.04 -42.30
CA THR A 42 -0.55 3.13 -41.88
C THR A 42 0.82 3.59 -42.33
N GLU A 43 1.72 3.75 -41.36
CA GLU A 43 3.13 4.09 -41.60
C GLU A 43 3.35 5.43 -42.24
N ALA A 44 2.36 6.32 -42.18
CA ALA A 44 2.49 7.61 -42.83
C ALA A 44 3.40 8.46 -41.97
N GLU A 45 3.85 9.59 -42.48
CA GLU A 45 4.67 10.45 -41.65
C GLU A 45 4.05 11.84 -41.65
N LEU A 46 3.87 12.41 -40.46
CA LEU A 46 3.30 13.74 -40.34
C LEU A 46 4.32 14.71 -39.71
N ASN A 47 5.26 15.15 -40.54
CA ASN A 47 6.21 16.17 -40.18
C ASN A 47 5.49 17.47 -39.94
N ARG A 48 5.52 17.97 -38.71
CA ARG A 48 5.10 19.34 -38.47
C ARG A 48 3.63 19.61 -38.83
N CYS A 49 2.74 18.65 -38.58
CA CYS A 49 1.34 18.86 -38.88
C CYS A 49 0.61 19.24 -37.64
N LYS A 50 -0.64 19.65 -37.81
CA LYS A 50 -1.39 20.22 -36.72
C LYS A 50 -2.86 19.84 -36.84
N PHE A 51 -3.45 19.49 -35.70
CA PHE A 51 -4.82 19.01 -35.63
C PHE A 51 -5.56 19.68 -34.52
N ARG A 52 -6.62 20.39 -34.89
CA ARG A 52 -7.44 21.10 -33.94
C ARG A 52 -8.91 20.66 -34.13
N GLU A 53 -9.52 20.19 -33.06
CA GLU A 53 -10.96 19.81 -33.07
C GLU A 53 -11.28 18.89 -34.26
N CYS A 54 -10.66 17.72 -34.25
CA CYS A 54 -10.73 16.78 -35.34
C CYS A 54 -11.23 15.44 -34.83
N GLU A 55 -11.94 14.71 -35.70
CA GLU A 55 -12.40 13.39 -35.31
C GLU A 55 -11.99 12.26 -36.27
N PHE A 56 -11.44 11.19 -35.73
CA PHE A 56 -11.14 10.04 -36.57
C PHE A 56 -12.02 8.92 -36.10
N VAL A 57 -12.73 8.31 -37.05
CA VAL A 57 -13.57 7.16 -36.82
C VAL A 57 -13.16 6.04 -37.75
N ASP A 58 -12.95 4.84 -37.19
CA ASP A 58 -12.66 3.63 -37.97
C ASP A 58 -11.54 3.84 -39.02
N CYS A 59 -10.42 4.40 -38.57
CA CYS A 59 -9.29 4.78 -39.43
C CYS A 59 -8.13 3.97 -38.97
N ASN A 60 -7.22 3.64 -39.87
CA ASN A 60 -6.03 2.86 -39.48
C ASN A 60 -4.86 3.80 -39.41
N LEU A 61 -4.36 4.00 -38.18
CA LEU A 61 -3.20 4.87 -38.01
C LEU A 61 -1.99 4.12 -37.46
N SER A 62 -1.95 2.81 -37.69
CA SER A 62 -0.86 1.99 -37.18
C SER A 62 0.52 2.39 -37.71
N LEU A 63 1.49 2.48 -36.79
CA LEU A 63 2.89 2.78 -37.12
C LEU A 63 3.06 4.15 -37.80
N ILE A 64 2.08 5.02 -37.58
CA ILE A 64 2.18 6.39 -38.01
C ILE A 64 3.31 7.14 -37.28
N SER A 65 3.95 8.04 -38.00
CA SER A 65 5.04 8.77 -37.41
C SER A 65 4.62 10.22 -37.34
N ILE A 66 4.70 10.79 -36.15
CA ILE A 66 4.17 12.14 -35.90
C ILE A 66 5.23 13.05 -35.25
N PRO A 67 6.36 13.23 -35.94
CA PRO A 67 7.44 14.11 -35.46
C PRO A 67 7.02 15.57 -35.31
N GLN A 68 7.13 16.08 -34.09
CA GLN A 68 6.90 17.50 -33.85
C GLN A 68 5.48 17.87 -34.22
N THR A 69 4.53 17.01 -33.85
CA THR A 69 3.17 17.24 -34.30
C THR A 69 2.21 17.45 -33.15
N SER A 70 1.10 18.12 -33.44
CA SER A 70 0.24 18.57 -32.36
C SER A 70 -1.24 18.18 -32.52
N PHE A 71 -1.83 17.80 -31.38
CA PHE A 71 -3.18 17.26 -31.30
C PHE A 71 -3.88 17.94 -30.17
N MET A 72 -4.82 18.82 -30.50
CA MET A 72 -5.61 19.51 -29.50
C MET A 72 -7.09 19.32 -29.83
N GLU A 73 -7.84 18.79 -28.86
CA GLU A 73 -9.23 18.39 -29.08
C GLU A 73 -9.32 17.44 -30.30
N VAL A 74 -8.85 16.22 -30.12
CA VAL A 74 -8.90 15.27 -31.20
C VAL A 74 -9.48 14.03 -30.54
N ARG A 75 -10.52 13.49 -31.18
CA ARG A 75 -11.18 12.25 -30.77
C ARG A 75 -10.84 11.16 -31.78
N PHE A 76 -10.37 10.02 -31.27
CA PHE A 76 -10.19 8.82 -32.07
C PHE A 76 -11.20 7.78 -31.62
N VAL A 77 -11.98 7.25 -32.58
CA VAL A 77 -13.02 6.27 -32.27
C VAL A 77 -12.83 5.07 -33.16
N ASP A 78 -12.74 3.89 -32.57
CA ASP A 78 -12.67 2.63 -33.35
C ASP A 78 -11.49 2.65 -34.32
N CYS A 79 -10.34 3.12 -33.87
CA CYS A 79 -9.17 3.27 -34.75
C CYS A 79 -8.07 2.28 -34.40
N LYS A 80 -7.40 1.73 -35.40
CA LYS A 80 -6.20 0.96 -35.14
C LYS A 80 -5.02 1.92 -35.01
N MET A 81 -4.37 1.92 -33.84
CA MET A 81 -3.29 2.89 -33.62
C MET A 81 -2.06 2.26 -32.99
N LEU A 82 -1.63 1.15 -33.58
CA LEU A 82 -0.58 0.32 -32.99
C LEU A 82 0.80 0.96 -33.11
N GLY A 83 1.63 0.74 -32.10
CA GLY A 83 3.02 1.11 -32.15
C GLY A 83 3.30 2.54 -32.53
N VAL A 84 2.42 3.45 -32.15
CA VAL A 84 2.67 4.85 -32.43
C VAL A 84 3.53 5.42 -31.34
N ASN A 85 4.54 6.19 -31.73
CA ASN A 85 5.41 6.86 -30.77
C ASN A 85 4.98 8.30 -30.52
N TRP A 86 4.36 8.49 -29.37
CA TRP A 86 3.77 9.76 -29.00
C TRP A 86 4.74 10.63 -28.20
N THR A 87 5.90 10.07 -27.88
CA THR A 87 6.96 10.75 -27.12
C THR A 87 7.16 12.22 -27.55
N SER A 88 7.15 12.43 -28.87
CA SER A 88 7.38 13.75 -29.44
C SER A 88 6.16 14.67 -29.26
N ALA A 89 4.98 14.08 -29.31
CA ALA A 89 3.73 14.82 -29.53
C ALA A 89 3.46 16.03 -28.63
N GLN A 90 2.74 17.00 -29.20
CA GLN A 90 2.06 18.04 -28.42
C GLN A 90 0.62 17.61 -28.34
N ALA A 91 0.06 17.58 -27.13
CA ALA A 91 -1.23 16.92 -26.90
C ALA A 91 -2.09 17.54 -25.81
N GLY A 92 -3.35 17.83 -26.14
CA GLY A 92 -4.27 18.40 -25.18
C GLY A 92 -5.68 17.96 -25.48
N ALA A 93 -6.41 17.57 -24.43
CA ALA A 93 -7.76 17.00 -24.56
C ALA A 93 -7.89 16.00 -25.70
N LEU A 94 -7.10 14.93 -25.59
CA LEU A 94 -7.11 13.83 -26.52
C LEU A 94 -8.10 12.80 -26.01
N SER A 95 -8.93 12.26 -26.89
CA SER A 95 -9.73 11.10 -26.47
C SER A 95 -9.65 9.93 -27.45
N PHE A 96 -9.62 8.74 -26.87
CA PHE A 96 -9.50 7.48 -27.60
C PHE A 96 -10.60 6.66 -27.04
N GLU A 97 -11.51 6.21 -27.90
CA GLU A 97 -12.59 5.35 -27.46
C GLU A 97 -12.66 4.12 -28.38
N ARG A 98 -12.57 2.92 -27.80
CA ARG A 98 -12.61 1.66 -28.57
C ARG A 98 -11.50 1.56 -29.65
N CYS A 99 -10.31 2.02 -29.31
CA CYS A 99 -9.17 1.95 -30.21
C CYS A 99 -8.20 0.85 -29.76
N ILE A 100 -7.32 0.46 -30.65
CA ILE A 100 -6.24 -0.47 -30.30
C ILE A 100 -4.95 0.34 -30.21
N LEU A 101 -4.41 0.46 -29.00
CA LEU A 101 -3.21 1.25 -28.79
C LEU A 101 -1.97 0.44 -28.43
N ASN A 102 -2.04 -0.88 -28.66
CA ASN A 102 -0.92 -1.78 -28.37
C ASN A 102 0.46 -1.25 -28.81
N ASP A 103 1.42 -1.31 -27.89
CA ASP A 103 2.83 -1.03 -28.20
C ASP A 103 3.08 0.41 -28.54
N SER A 104 2.24 1.30 -28.04
CA SER A 104 2.45 2.73 -28.27
C SER A 104 3.40 3.27 -27.23
N LEU A 105 4.06 4.36 -27.57
CA LEU A 105 4.94 5.02 -26.62
C LEU A 105 4.37 6.36 -26.15
N PHE A 106 4.06 6.46 -24.87
CA PHE A 106 3.60 7.72 -24.30
C PHE A 106 4.60 8.22 -23.27
N TYR A 107 5.88 7.93 -23.53
CA TYR A 107 6.96 8.35 -22.67
C TYR A 107 6.94 9.84 -22.30
N GLY A 108 6.95 10.09 -20.99
CA GLY A 108 6.95 11.42 -20.42
C GLY A 108 5.87 12.38 -20.86
N LEU A 109 4.90 11.88 -21.62
CA LEU A 109 3.90 12.74 -22.26
C LEU A 109 2.87 13.36 -21.27
N TYR A 110 2.57 14.63 -21.50
CA TYR A 110 1.51 15.29 -20.75
C TYR A 110 0.11 14.82 -21.25
N LEU A 111 -0.62 14.13 -20.38
CA LEU A 111 -1.89 13.54 -20.74
C LEU A 111 -3.01 13.80 -19.70
N ALA A 112 -2.92 14.90 -18.97
CA ALA A 112 -3.98 15.24 -18.03
C ALA A 112 -5.30 15.06 -18.75
N GLY A 113 -6.20 14.26 -18.16
CA GLY A 113 -7.59 14.18 -18.58
C GLY A 113 -7.82 13.40 -19.85
N VAL A 114 -6.78 12.75 -20.36
CA VAL A 114 -6.94 11.97 -21.56
C VAL A 114 -7.99 10.91 -21.29
N LYS A 115 -8.72 10.56 -22.33
CA LYS A 115 -9.67 9.48 -22.23
C LYS A 115 -9.14 8.38 -23.08
N MET A 116 -8.91 7.24 -22.45
CA MET A 116 -8.66 6.03 -23.21
C MET A 116 -9.62 5.01 -22.69
N VAL A 117 -10.83 5.08 -23.21
CA VAL A 117 -11.98 4.34 -22.70
C VAL A 117 -12.28 3.13 -23.60
N GLU A 118 -12.55 1.97 -22.99
CA GLU A 118 -12.86 0.76 -23.78
C GLU A 118 -11.76 0.48 -24.83
N CYS A 119 -10.50 0.65 -24.45
CA CYS A 119 -9.42 0.47 -25.41
C CYS A 119 -8.64 -0.78 -25.09
N ARG A 120 -8.07 -1.41 -26.12
CA ARG A 120 -7.00 -2.40 -25.92
C ARG A 120 -5.69 -1.63 -25.84
N ILE A 121 -5.00 -1.77 -24.71
CA ILE A 121 -3.76 -1.04 -24.45
C ILE A 121 -2.70 -2.02 -23.90
N HIS A 122 -2.29 -2.98 -24.71
CA HIS A 122 -1.32 -3.97 -24.29
C HIS A 122 0.03 -3.37 -24.55
N ASP A 123 0.96 -3.52 -23.61
CA ASP A 123 2.37 -3.29 -23.88
C ASP A 123 2.66 -1.88 -24.31
N ALA A 124 1.90 -0.93 -23.76
CA ALA A 124 2.13 0.47 -23.98
C ALA A 124 3.00 0.99 -22.84
N ASN A 125 3.75 2.05 -23.15
CA ASN A 125 4.64 2.61 -22.16
C ASN A 125 4.16 4.00 -21.68
N PHE A 126 3.79 4.08 -20.41
CA PHE A 126 3.31 5.33 -19.80
C PHE A 126 4.36 5.92 -18.85
N THR A 127 5.55 5.31 -18.86
CA THR A 127 6.64 5.77 -17.97
C THR A 127 6.74 7.30 -17.99
N GLU A 128 6.87 7.89 -16.80
CA GLU A 128 7.08 9.34 -16.70
C GLU A 128 5.96 10.23 -17.27
N ALA A 129 4.91 9.61 -17.82
CA ALA A 129 3.77 10.40 -18.32
C ALA A 129 2.99 11.00 -17.16
N ASP A 130 2.41 12.18 -17.38
CA ASP A 130 1.38 12.72 -16.47
C ASP A 130 -0.04 12.34 -16.93
N CYS A 131 -0.69 11.42 -16.21
CA CYS A 131 -2.05 11.00 -16.51
C CYS A 131 -3.03 11.34 -15.41
N GLU A 132 -2.89 12.54 -14.85
CA GLU A 132 -3.82 13.05 -13.86
C GLU A 132 -5.25 13.11 -14.42
N ASP A 133 -6.20 12.58 -13.66
CA ASP A 133 -7.62 12.59 -14.06
C ASP A 133 -7.83 11.79 -15.33
N ALA A 134 -6.81 11.04 -15.76
CA ALA A 134 -6.98 10.15 -16.89
C ALA A 134 -8.22 9.26 -16.72
N ASP A 135 -8.83 8.86 -17.82
CA ASP A 135 -10.02 8.00 -17.76
C ASP A 135 -9.67 6.72 -18.52
N PHE A 136 -9.52 5.60 -17.83
CA PHE A 136 -9.12 4.36 -18.49
C PHE A 136 -10.25 3.35 -18.48
N THR A 137 -11.46 3.84 -18.23
CA THR A 137 -12.62 2.99 -18.05
C THR A 137 -12.73 1.93 -19.11
N GLN A 138 -12.86 0.71 -18.65
CA GLN A 138 -13.08 -0.46 -19.52
C GLN A 138 -11.95 -0.78 -20.49
N SER A 139 -10.73 -0.39 -20.16
CA SER A 139 -9.60 -0.66 -21.04
C SER A 139 -8.79 -1.83 -20.50
N ASP A 140 -8.17 -2.54 -21.44
CA ASP A 140 -7.30 -3.65 -21.12
C ASP A 140 -5.86 -3.15 -21.18
N LEU A 141 -5.25 -2.98 -20.00
CA LEU A 141 -3.90 -2.42 -19.89
C LEU A 141 -2.78 -3.43 -19.80
N LYS A 142 -3.04 -4.63 -20.30
CA LYS A 142 -2.16 -5.78 -20.07
C LYS A 142 -0.74 -5.54 -20.56
N GLY A 143 0.20 -5.50 -19.61
CA GLY A 143 1.61 -5.47 -19.94
C GLY A 143 2.11 -4.06 -20.13
N SER A 144 1.23 -3.11 -19.84
CA SER A 144 1.58 -1.74 -20.09
C SER A 144 2.41 -1.31 -18.93
N THR A 145 3.31 -0.38 -19.19
CA THR A 145 4.28 0.03 -18.18
C THR A 145 3.89 1.33 -17.52
N PHE A 146 3.55 1.24 -16.23
CA PHE A 146 3.32 2.43 -15.43
C PHE A 146 4.47 2.54 -14.48
N HIS A 147 5.32 3.53 -14.74
CA HIS A 147 6.49 3.82 -13.93
C HIS A 147 6.69 5.32 -13.85
N ASN A 148 6.68 5.83 -12.62
CA ASN A 148 6.73 7.27 -12.39
C ASN A 148 5.60 8.02 -13.12
N THR A 149 4.51 7.30 -13.31
CA THR A 149 3.35 7.82 -14.01
C THR A 149 2.45 8.54 -12.99
N LYS A 150 2.23 9.85 -13.18
CA LYS A 150 1.21 10.55 -12.37
C LYS A 150 -0.20 10.00 -12.70
N LEU A 151 -0.80 9.28 -11.76
CA LEU A 151 -2.10 8.65 -11.93
C LEU A 151 -3.13 9.25 -10.98
N THR A 152 -2.82 10.42 -10.45
CA THR A 152 -3.67 11.17 -9.52
C THR A 152 -5.12 11.37 -10.01
N GLY A 153 -6.09 10.81 -9.29
CA GLY A 153 -7.48 10.99 -9.65
C GLY A 153 -7.87 10.37 -10.99
N ALA A 154 -7.02 9.48 -11.50
CA ALA A 154 -7.33 8.80 -12.72
C ALA A 154 -8.41 7.77 -12.39
N SER A 155 -9.17 7.35 -13.40
CA SER A 155 -10.17 6.33 -13.19
C SER A 155 -9.79 5.05 -13.90
N PHE A 156 -9.71 3.96 -13.15
CA PHE A 156 -9.62 2.62 -13.73
C PHE A 156 -10.90 1.79 -13.63
N ILE A 157 -12.05 2.43 -13.44
CA ILE A 157 -13.29 1.67 -13.32
C ILE A 157 -13.51 0.67 -14.46
N ASP A 158 -13.68 -0.60 -14.08
CA ASP A 158 -13.93 -1.69 -15.00
C ASP A 158 -12.73 -1.97 -15.93
N ALA A 159 -11.60 -1.31 -15.68
CA ALA A 159 -10.33 -1.65 -16.33
C ALA A 159 -9.72 -2.98 -15.82
N VAL A 160 -8.99 -3.69 -16.68
CA VAL A 160 -8.42 -5.00 -16.40
C VAL A 160 -6.94 -5.13 -16.81
N ASN A 161 -6.15 -5.91 -16.05
CA ASN A 161 -4.79 -6.29 -16.44
C ASN A 161 -3.78 -5.16 -16.39
N TYR A 162 -4.08 -4.18 -15.54
CA TYR A 162 -3.18 -3.10 -15.25
C TYR A 162 -2.29 -3.53 -14.08
N HIS A 163 -0.99 -3.27 -14.24
CA HIS A 163 -0.01 -3.54 -13.19
C HIS A 163 0.56 -2.21 -12.79
N ILE A 164 0.30 -1.83 -11.55
CA ILE A 164 0.69 -0.55 -11.01
C ILE A 164 1.36 -0.72 -9.65
N ASP A 165 2.64 -0.35 -9.62
CA ASP A 165 3.38 -0.36 -8.39
C ASP A 165 3.08 0.93 -7.63
N ILE A 166 2.41 0.77 -6.49
CA ILE A 166 1.92 1.93 -5.76
C ILE A 166 3.02 2.71 -5.06
N PHE A 167 4.25 2.18 -5.10
CA PHE A 167 5.39 2.89 -4.52
C PHE A 167 6.03 3.81 -5.53
N HIS A 168 5.96 3.43 -6.81
CA HIS A 168 6.53 4.21 -7.90
C HIS A 168 5.52 4.71 -8.90
N ASN A 169 4.30 5.00 -8.42
CA ASN A 169 3.25 5.62 -9.22
C ASN A 169 2.20 6.21 -8.29
N ASP A 170 1.93 7.50 -8.45
CA ASP A 170 1.01 8.25 -7.60
C ASP A 170 -0.47 7.96 -7.95
N ILE A 171 -1.23 7.41 -7.01
CA ILE A 171 -2.63 7.10 -7.29
C ILE A 171 -3.61 7.77 -6.30
N LYS A 172 -3.15 8.80 -5.58
CA LYS A 172 -4.01 9.56 -4.66
C LYS A 172 -5.32 9.84 -5.34
N ARG A 173 -6.42 9.37 -4.74
CA ARG A 173 -7.76 9.70 -5.25
C ARG A 173 -8.15 9.06 -6.60
N ALA A 174 -7.32 8.17 -7.13
CA ALA A 174 -7.70 7.36 -8.28
C ALA A 174 -8.87 6.40 -7.94
N ARG A 175 -9.62 5.96 -8.94
CA ARG A 175 -10.76 5.10 -8.67
C ARG A 175 -10.56 3.67 -9.22
N PHE A 176 -10.88 2.63 -8.43
CA PHE A 176 -10.70 1.25 -8.90
C PHE A 176 -11.95 0.36 -8.69
N SER A 177 -12.09 -0.73 -9.44
CA SER A 177 -13.19 -1.71 -9.23
C SER A 177 -12.65 -2.94 -8.52
N LEU A 178 -13.40 -3.44 -7.54
CA LEU A 178 -13.12 -4.76 -7.00
C LEU A 178 -13.69 -5.76 -8.00
N PRO A 179 -12.96 -6.86 -8.27
CA PRO A 179 -11.75 -7.36 -7.60
C PRO A 179 -10.43 -6.99 -8.26
N GLU A 180 -10.45 -6.47 -9.49
CA GLU A 180 -9.22 -6.12 -10.20
C GLU A 180 -8.29 -5.31 -9.30
N ALA A 181 -8.87 -4.36 -8.58
CA ALA A 181 -8.13 -3.47 -7.70
C ALA A 181 -7.17 -4.16 -6.69
N ALA A 182 -7.28 -5.49 -6.55
CA ALA A 182 -6.45 -6.23 -5.58
C ALA A 182 -4.99 -6.27 -6.01
N SER A 183 -4.77 -6.10 -7.31
CA SER A 183 -3.46 -6.19 -7.92
C SER A 183 -2.58 -5.09 -7.37
N LEU A 184 -3.25 -4.08 -6.80
CA LEU A 184 -2.58 -2.96 -6.15
C LEU A 184 -1.68 -3.39 -5.00
N LEU A 185 -2.09 -4.45 -4.32
CA LEU A 185 -1.40 -4.89 -3.12
C LEU A 185 -0.12 -5.65 -3.47
N ASN A 186 0.12 -5.83 -4.77
CA ASN A 186 1.29 -6.55 -5.23
C ASN A 186 2.51 -5.64 -5.30
N SER A 187 2.24 -4.34 -5.43
CA SER A 187 3.29 -3.36 -5.24
C SER A 187 3.99 -3.66 -3.91
N LEU A 188 3.19 -4.16 -2.96
CA LEU A 188 3.69 -4.70 -1.70
C LEU A 188 4.20 -6.13 -1.90
N ASP A 189 5.20 -6.50 -1.11
CA ASP A 189 5.78 -7.80 -1.24
C ASP A 189 5.22 -8.70 -0.12
N ILE A 190 3.92 -8.95 -0.13
CA ILE A 190 3.26 -9.64 0.99
C ILE A 190 2.65 -10.99 0.63
N GLU A 191 2.45 -11.84 1.63
CA GLU A 191 1.74 -13.10 1.43
C GLU A 191 0.29 -13.04 1.90
N LEU A 192 -0.66 -13.28 1.00
CA LEU A 192 -2.08 -13.22 1.36
C LEU A 192 -2.75 -14.58 1.52
N SER A 193 -3.90 -14.60 2.20
CA SER A 193 -4.69 -15.82 2.40
C SER A 193 -6.16 -15.62 2.06
N MET B 1 -4.81 -10.48 52.59
CA MET B 1 -3.73 -11.00 53.47
C MET B 1 -2.30 -10.85 52.87
N PRO B 2 -1.37 -10.24 53.62
CA PRO B 2 -0.06 -9.77 53.07
C PRO B 2 0.81 -10.88 52.43
N ALA B 3 1.50 -10.55 51.34
CA ALA B 3 2.33 -11.51 50.62
C ALA B 3 3.70 -11.71 51.28
N LYS B 4 4.31 -12.86 51.03
CA LYS B 4 5.64 -13.12 51.54
C LYS B 4 6.52 -11.94 51.15
N THR B 5 7.41 -11.57 52.06
CA THR B 5 8.34 -10.48 51.78
C THR B 5 9.40 -11.02 50.80
N LEU B 6 9.77 -10.22 49.78
CA LEU B 6 10.74 -10.66 48.77
C LEU B 6 12.16 -10.18 49.09
N GLU B 7 12.74 -10.83 50.09
CA GLU B 7 14.03 -10.46 50.67
C GLU B 7 15.18 -10.53 49.66
N SER B 8 15.15 -11.54 48.82
CA SER B 8 16.25 -11.80 47.91
C SER B 8 16.22 -10.92 46.65
N LYS B 9 17.40 -10.80 46.04
CA LYS B 9 17.54 -10.18 44.72
C LYS B 9 17.75 -11.26 43.65
N ASP B 10 17.66 -12.52 44.06
CA ASP B 10 17.63 -13.69 43.16
C ASP B 10 16.54 -14.69 43.53
N TYR B 11 15.72 -15.04 42.55
CA TYR B 11 14.77 -16.17 42.67
C TYR B 11 14.96 -17.16 41.52
N CYS B 12 14.74 -18.45 41.81
CA CYS B 12 14.95 -19.49 40.82
C CYS B 12 13.95 -20.61 41.08
N GLY B 13 13.43 -21.21 40.02
CA GLY B 13 12.45 -22.29 40.14
C GLY B 13 11.21 -22.04 41.00
N GLU B 14 11.11 -20.83 41.54
CA GLU B 14 10.07 -20.52 42.53
C GLU B 14 8.70 -20.27 41.87
N SER B 15 7.65 -20.73 42.53
CA SER B 15 6.28 -20.47 42.09
C SER B 15 5.62 -19.45 42.99
N PHE B 16 4.80 -18.58 42.39
CA PHE B 16 4.18 -17.45 43.07
C PHE B 16 2.69 -17.42 42.74
N VAL B 17 1.86 -17.85 43.68
CA VAL B 17 0.43 -18.03 43.37
C VAL B 17 -0.51 -17.16 44.20
N SER B 18 -1.38 -16.45 43.49
CA SER B 18 -2.46 -15.65 44.09
C SER B 18 -1.99 -14.52 45.00
N GLU B 19 -0.75 -14.06 44.81
CA GLU B 19 -0.19 -13.00 45.63
C GLU B 19 -0.57 -11.62 45.14
N ASP B 20 -1.02 -10.77 46.06
CA ASP B 20 -1.31 -9.40 45.72
C ASP B 20 -0.10 -8.51 45.98
N ARG B 21 0.55 -8.07 44.89
CA ARG B 21 1.72 -7.20 44.98
C ARG B 21 1.44 -5.76 44.51
N SER B 22 0.18 -5.36 44.42
CA SER B 22 -0.11 -4.00 43.93
C SER B 22 0.70 -2.98 44.73
N GLY B 23 1.07 -1.88 44.09
CA GLY B 23 1.84 -0.83 44.75
C GLY B 23 3.27 -1.17 45.20
N GLN B 24 3.70 -2.42 45.04
CA GLN B 24 5.01 -2.78 45.56
C GLN B 24 6.15 -2.27 44.66
N SER B 25 7.25 -1.93 45.30
CA SER B 25 8.48 -1.62 44.58
C SER B 25 9.37 -2.83 44.72
N LEU B 26 9.71 -3.44 43.60
CA LEU B 26 10.76 -4.44 43.59
C LEU B 26 12.03 -3.87 42.98
N GLU B 27 13.09 -3.86 43.77
CA GLU B 27 14.31 -3.22 43.35
C GLU B 27 15.37 -4.24 42.91
N SER B 28 15.59 -4.29 41.60
CA SER B 28 16.74 -4.96 41.01
C SER B 28 16.72 -6.43 41.36
N ILE B 29 15.53 -7.00 41.35
CA ILE B 29 15.40 -8.41 41.60
C ILE B 29 15.53 -9.17 40.28
N ARG B 30 16.19 -10.32 40.32
CA ARG B 30 16.33 -11.18 39.16
C ARG B 30 15.55 -12.46 39.40
N PHE B 31 14.64 -12.78 38.50
CA PHE B 31 13.88 -14.02 38.57
C PHE B 31 14.27 -14.91 37.42
N GLU B 32 14.48 -16.19 37.68
CA GLU B 32 14.74 -17.16 36.63
C GLU B 32 13.90 -18.40 36.80
N ASP B 33 13.32 -18.86 35.70
CA ASP B 33 12.41 -19.99 35.72
C ASP B 33 11.47 -19.92 36.93
N CYS B 34 10.74 -18.82 37.01
CA CYS B 34 9.74 -18.66 38.03
C CYS B 34 8.41 -18.59 37.32
N THR B 35 7.35 -19.02 38.03
CA THR B 35 5.99 -18.97 37.50
C THR B 35 5.16 -18.07 38.35
N PHE B 36 4.23 -17.32 37.73
CA PHE B 36 3.33 -16.41 38.45
C PHE B 36 1.87 -16.66 38.11
N ARG B 37 1.14 -17.19 39.10
CA ARG B 37 -0.28 -17.53 38.99
C ARG B 37 -1.13 -16.53 39.74
N GLN B 38 -2.17 -16.01 39.07
CA GLN B 38 -3.21 -15.28 39.75
C GLN B 38 -2.65 -14.17 40.62
N CYS B 39 -1.52 -13.63 40.21
CA CYS B 39 -0.87 -12.61 41.02
C CYS B 39 -1.35 -11.23 40.59
N ASN B 40 -1.41 -10.30 41.53
CA ASN B 40 -1.71 -8.91 41.20
C ASN B 40 -0.49 -7.98 41.34
N PHE B 41 -0.12 -7.30 40.24
CA PHE B 41 0.94 -6.29 40.23
C PHE B 41 0.46 -4.89 39.82
N THR B 42 -0.84 -4.65 39.89
CA THR B 42 -1.35 -3.34 39.52
C THR B 42 -0.44 -2.28 40.10
N GLU B 43 0.03 -1.37 39.25
CA GLU B 43 0.82 -0.21 39.70
C GLU B 43 2.06 -0.49 40.56
N ALA B 44 2.60 -1.69 40.44
CA ALA B 44 3.88 -2.01 41.06
C ALA B 44 4.98 -1.37 40.21
N GLU B 45 6.16 -1.19 40.77
CA GLU B 45 7.32 -0.75 40.00
C GLU B 45 8.32 -1.87 39.99
N LEU B 46 8.62 -2.37 38.80
CA LEU B 46 9.66 -3.36 38.70
C LEU B 46 10.85 -2.59 38.20
N ASN B 47 11.63 -2.07 39.14
CA ASN B 47 12.77 -1.22 38.81
C ASN B 47 14.04 -2.04 38.63
N ARG B 48 14.58 -1.98 37.41
CA ARG B 48 15.82 -2.69 37.03
C ARG B 48 15.81 -4.19 37.38
N CYS B 49 14.62 -4.80 37.33
CA CYS B 49 14.49 -6.24 37.52
C CYS B 49 14.78 -6.97 36.21
N LYS B 50 15.20 -8.22 36.33
CA LYS B 50 15.44 -9.08 35.18
C LYS B 50 14.53 -10.29 35.26
N PHE B 51 13.92 -10.64 34.13
CA PHE B 51 13.08 -11.84 34.07
C PHE B 51 13.58 -12.71 32.95
N ARG B 52 14.02 -13.93 33.29
CA ARG B 52 14.45 -14.92 32.31
C ARG B 52 13.62 -16.22 32.46
N GLU B 53 13.35 -16.88 31.33
CA GLU B 53 12.43 -18.03 31.29
C GLU B 53 11.43 -17.99 32.43
N CYS B 54 10.50 -17.05 32.39
CA CYS B 54 9.47 -16.95 33.42
C CYS B 54 8.13 -17.01 32.73
N GLU B 55 7.07 -17.27 33.48
CA GLU B 55 5.74 -17.32 32.92
C GLU B 55 4.74 -16.59 33.83
N PHE B 56 3.89 -15.74 33.25
CA PHE B 56 2.80 -15.10 34.00
C PHE B 56 1.44 -15.59 33.52
N VAL B 57 0.64 -16.09 34.46
CA VAL B 57 -0.67 -16.66 34.16
C VAL B 57 -1.76 -15.99 34.99
N ASP B 58 -2.76 -15.42 34.32
CA ASP B 58 -3.94 -14.89 35.00
C ASP B 58 -3.57 -13.78 35.96
N CYS B 59 -2.49 -13.06 35.63
CA CYS B 59 -2.02 -12.01 36.51
C CYS B 59 -2.50 -10.68 35.97
N ASN B 60 -2.78 -9.75 36.87
CA ASN B 60 -3.01 -8.37 36.50
C ASN B 60 -1.71 -7.59 36.58
N LEU B 61 -1.30 -6.99 35.45
CA LEU B 61 -0.06 -6.22 35.38
C LEU B 61 -0.32 -4.78 34.96
N SER B 62 -1.60 -4.39 34.99
CA SER B 62 -2.01 -3.04 34.60
C SER B 62 -1.26 -1.89 35.30
N LEU B 63 -0.81 -0.91 34.54
CA LEU B 63 -0.18 0.29 35.09
C LEU B 63 1.11 -0.01 35.86
N ILE B 64 1.53 -1.26 35.76
CA ILE B 64 2.87 -1.58 36.20
C ILE B 64 3.89 -0.64 35.54
N SER B 65 4.89 -0.27 36.31
CA SER B 65 5.98 0.52 35.78
C SER B 65 7.25 -0.36 35.71
N ILE B 66 7.84 -0.47 34.53
CA ILE B 66 8.96 -1.38 34.30
C ILE B 66 10.27 -0.69 33.83
N PRO B 67 10.66 0.39 34.53
CA PRO B 67 11.84 1.15 34.10
C PRO B 67 13.12 0.29 34.05
N GLN B 68 13.72 0.19 32.86
CA GLN B 68 14.98 -0.56 32.70
C GLN B 68 14.91 -2.01 33.17
N THR B 69 13.73 -2.60 33.06
CA THR B 69 13.53 -4.02 33.36
C THR B 69 13.54 -4.86 32.08
N SER B 70 14.09 -6.06 32.17
CA SER B 70 14.24 -6.93 31.00
C SER B 70 13.33 -8.13 31.13
N PHE B 71 12.78 -8.58 30.01
CA PHE B 71 12.07 -9.84 29.97
C PHE B 71 12.68 -10.60 28.82
N MET B 72 13.27 -11.74 29.14
CA MET B 72 13.88 -12.60 28.15
C MET B 72 13.22 -13.97 28.27
N GLU B 73 12.67 -14.47 27.17
CA GLU B 73 11.96 -15.75 27.21
C GLU B 73 10.82 -15.73 28.23
N VAL B 74 10.00 -14.70 28.20
CA VAL B 74 8.88 -14.59 29.13
C VAL B 74 7.56 -14.77 28.37
N ARG B 75 6.67 -15.55 28.97
CA ARG B 75 5.34 -15.81 28.42
C ARG B 75 4.27 -15.23 29.34
N PHE B 76 3.36 -14.46 28.75
CA PHE B 76 2.21 -13.88 29.44
C PHE B 76 0.90 -14.50 28.91
N VAL B 77 0.14 -15.14 29.80
CA VAL B 77 -1.07 -15.86 29.38
C VAL B 77 -2.33 -15.35 30.10
N ASP B 78 -3.32 -14.88 29.35
CA ASP B 78 -4.58 -14.35 29.90
C ASP B 78 -4.27 -13.29 30.99
N CYS B 79 -3.34 -12.40 30.65
CA CYS B 79 -2.95 -11.30 31.52
C CYS B 79 -3.53 -9.97 31.09
N LYS B 80 -3.96 -9.20 32.07
CA LYS B 80 -4.41 -7.84 31.87
C LYS B 80 -3.17 -6.96 32.02
N MET B 81 -2.86 -6.12 31.02
CA MET B 81 -1.64 -5.30 31.07
C MET B 81 -1.80 -3.93 30.42
N LEU B 82 -2.72 -3.14 30.94
CA LEU B 82 -3.06 -1.88 30.29
C LEU B 82 -2.11 -0.77 30.67
N GLY B 83 -1.88 0.15 29.72
CA GLY B 83 -1.21 1.41 30.00
C GLY B 83 0.26 1.33 30.37
N VAL B 84 0.86 0.15 30.25
CA VAL B 84 2.26 -0.06 30.58
C VAL B 84 3.29 0.66 29.68
N ASN B 85 4.18 1.43 30.30
CA ASN B 85 5.23 1.99 29.46
C ASN B 85 6.42 1.03 29.28
N TRP B 86 6.58 0.47 28.07
CA TRP B 86 7.69 -0.46 27.81
C TRP B 86 8.92 0.23 27.31
N THR B 87 8.79 1.53 27.07
CA THR B 87 9.76 2.33 26.34
C THR B 87 11.19 2.23 26.85
N SER B 88 11.35 1.87 28.13
CA SER B 88 12.66 1.85 28.79
C SER B 88 13.14 0.43 29.03
N ALA B 89 12.29 -0.54 28.72
CA ALA B 89 12.52 -1.94 29.03
C ALA B 89 13.23 -2.65 27.90
N GLN B 90 13.74 -3.84 28.20
CA GLN B 90 14.33 -4.71 27.20
C GLN B 90 13.47 -5.97 27.04
N ALA B 91 13.08 -6.26 25.80
CA ALA B 91 12.24 -7.40 25.51
C ALA B 91 12.97 -8.31 24.55
N GLY B 92 12.83 -9.62 24.73
CA GLY B 92 13.46 -10.63 23.88
C GLY B 92 12.78 -11.99 23.99
N ALA B 93 12.37 -12.55 22.86
CA ALA B 93 11.59 -13.78 22.88
C ALA B 93 10.46 -13.65 23.89
N LEU B 94 9.68 -12.59 23.74
CA LEU B 94 8.46 -12.37 24.49
C LEU B 94 7.30 -12.99 23.77
N SER B 95 6.41 -13.57 24.57
CA SER B 95 5.18 -14.15 24.09
C SER B 95 4.05 -13.60 24.94
N PHE B 96 2.99 -13.14 24.29
CA PHE B 96 1.74 -12.77 24.93
C PHE B 96 0.64 -13.62 24.34
N GLU B 97 -0.15 -14.24 25.20
CA GLU B 97 -1.28 -15.04 24.74
C GLU B 97 -2.56 -14.52 25.39
N ARG B 98 -3.57 -14.18 24.58
CA ARG B 98 -4.81 -13.61 25.12
C ARG B 98 -4.52 -12.67 26.29
N CYS B 99 -3.80 -11.60 26.00
CA CYS B 99 -3.54 -10.54 26.96
C CYS B 99 -4.27 -9.29 26.46
N ILE B 100 -4.44 -8.32 27.34
CA ILE B 100 -5.06 -7.05 26.97
C ILE B 100 -4.00 -5.97 27.17
N LEU B 101 -3.52 -5.42 26.07
CA LEU B 101 -2.37 -4.52 26.08
C LEU B 101 -2.78 -3.07 25.74
N ASN B 102 -4.08 -2.80 25.85
CA ASN B 102 -4.63 -1.49 25.54
C ASN B 102 -3.79 -0.36 26.10
N ASP B 103 -3.46 0.60 25.25
CA ASP B 103 -2.87 1.84 25.72
C ASP B 103 -1.39 1.73 26.07
N SER B 104 -0.82 0.54 25.92
CA SER B 104 0.62 0.29 26.14
C SER B 104 1.55 1.14 25.26
N LEU B 105 2.70 1.52 25.80
CA LEU B 105 3.68 2.29 25.05
C LEU B 105 4.92 1.46 24.70
N PHE B 106 5.12 1.27 23.38
CA PHE B 106 6.22 0.49 22.82
C PHE B 106 7.11 1.36 21.91
N TYR B 107 7.03 2.66 22.06
CA TYR B 107 7.85 3.51 21.25
C TYR B 107 9.30 3.01 21.26
N GLY B 108 9.84 2.81 20.06
CA GLY B 108 11.25 2.56 19.83
C GLY B 108 11.71 1.17 20.22
N LEU B 109 10.80 0.42 20.81
CA LEU B 109 11.16 -0.85 21.44
C LEU B 109 11.62 -1.88 20.43
N TYR B 110 12.70 -2.60 20.75
CA TYR B 110 13.11 -3.75 19.94
C TYR B 110 12.26 -4.96 20.30
N LEU B 111 11.46 -5.39 19.33
CA LEU B 111 10.45 -6.41 19.51
C LEU B 111 10.53 -7.53 18.46
N ALA B 112 11.67 -7.66 17.79
CA ALA B 112 11.80 -8.68 16.74
C ALA B 112 11.31 -10.00 17.31
N GLY B 113 10.47 -10.71 16.57
CA GLY B 113 9.99 -12.01 17.01
C GLY B 113 8.90 -12.08 18.07
N VAL B 114 8.49 -10.93 18.58
CA VAL B 114 7.49 -10.91 19.64
C VAL B 114 6.22 -11.65 19.21
N LYS B 115 5.62 -12.36 20.17
CA LYS B 115 4.34 -13.00 19.90
C LYS B 115 3.26 -12.29 20.69
N MET B 116 2.30 -11.72 19.99
CA MET B 116 1.14 -11.10 20.64
C MET B 116 -0.10 -11.68 19.98
N VAL B 117 -0.40 -12.93 20.34
CA VAL B 117 -1.46 -13.75 19.76
C VAL B 117 -2.77 -13.68 20.58
N GLU B 118 -3.88 -13.39 19.89
CA GLU B 118 -5.18 -13.40 20.54
C GLU B 118 -5.28 -12.33 21.60
N CYS B 119 -4.85 -11.12 21.27
CA CYS B 119 -4.73 -10.08 22.29
C CYS B 119 -5.64 -8.88 21.98
N ARG B 120 -6.18 -8.25 23.01
CA ARG B 120 -6.84 -6.96 22.82
C ARG B 120 -5.78 -5.85 22.85
N ILE B 121 -5.60 -5.18 21.72
CA ILE B 121 -4.53 -4.20 21.62
C ILE B 121 -5.04 -2.88 21.06
N HIS B 122 -5.83 -2.16 21.84
CA HIS B 122 -6.37 -0.87 21.37
C HIS B 122 -5.50 0.30 21.77
N ASP B 123 -5.18 1.14 20.81
CA ASP B 123 -4.54 2.42 21.10
C ASP B 123 -3.13 2.23 21.68
N ALA B 124 -2.59 1.03 21.52
CA ALA B 124 -1.20 0.78 21.89
C ALA B 124 -0.39 1.49 20.83
N ASN B 125 0.76 2.06 21.23
CA ASN B 125 1.61 2.80 20.29
C ASN B 125 2.91 2.06 19.90
N PHE B 126 3.04 1.74 18.63
CA PHE B 126 4.21 1.00 18.14
C PHE B 126 5.19 1.83 17.33
N THR B 127 5.18 3.15 17.51
CA THR B 127 5.97 4.04 16.69
C THR B 127 7.46 3.72 16.79
N GLU B 128 8.17 3.76 15.66
CA GLU B 128 9.62 3.58 15.64
C GLU B 128 10.08 2.25 16.23
N ALA B 129 9.14 1.36 16.53
CA ALA B 129 9.46 0.05 17.13
C ALA B 129 10.03 -0.92 16.09
N ASP B 130 10.94 -1.79 16.48
CA ASP B 130 11.32 -2.90 15.58
C ASP B 130 10.43 -4.14 15.81
N CYS B 131 9.52 -4.40 14.88
CA CYS B 131 8.62 -5.56 14.96
C CYS B 131 8.85 -6.63 13.88
N GLU B 132 10.08 -6.77 13.42
CA GLU B 132 10.39 -7.79 12.44
C GLU B 132 9.93 -9.16 12.95
N ASP B 133 9.28 -9.92 12.07
CA ASP B 133 8.87 -11.30 12.34
C ASP B 133 7.84 -11.44 13.48
N ALA B 134 7.33 -10.30 13.93
CA ALA B 134 6.30 -10.30 14.96
C ALA B 134 5.04 -11.05 14.51
N ASP B 135 4.37 -11.64 15.49
CA ASP B 135 3.25 -12.50 15.21
C ASP B 135 2.05 -11.94 15.94
N PHE B 136 1.15 -11.32 15.18
CA PHE B 136 -0.07 -10.72 15.72
C PHE B 136 -1.26 -11.59 15.34
N THR B 137 -0.99 -12.86 15.04
CA THR B 137 -2.02 -13.82 14.68
C THR B 137 -3.23 -13.63 15.59
N GLN B 138 -4.31 -13.15 14.98
CA GLN B 138 -5.65 -13.01 15.58
C GLN B 138 -5.87 -11.94 16.62
N SER B 139 -4.97 -10.97 16.72
CA SER B 139 -5.19 -9.88 17.65
C SER B 139 -6.05 -8.71 17.12
N ASP B 140 -6.75 -8.05 18.04
CA ASP B 140 -7.54 -6.85 17.73
C ASP B 140 -6.65 -5.61 17.93
N LEU B 141 -6.37 -4.90 16.86
CA LEU B 141 -5.44 -3.77 16.94
C LEU B 141 -6.08 -2.40 16.91
N LYS B 142 -7.41 -2.39 17.05
CA LYS B 142 -8.20 -1.17 16.93
C LYS B 142 -7.54 0.09 17.53
N GLY B 143 -7.16 1.02 16.65
CA GLY B 143 -6.70 2.32 17.08
C GLY B 143 -5.24 2.36 17.53
N SER B 144 -4.50 1.29 17.26
CA SER B 144 -3.07 1.23 17.61
C SER B 144 -2.21 1.92 16.55
N THR B 145 -1.20 2.65 16.99
CA THR B 145 -0.40 3.49 16.14
C THR B 145 0.84 2.80 15.54
N PHE B 146 0.80 2.50 14.23
CA PHE B 146 1.97 2.04 13.48
C PHE B 146 2.57 3.16 12.65
N HIS B 147 3.84 3.47 12.95
CA HIS B 147 4.54 4.57 12.32
C HIS B 147 6.07 4.42 12.41
N ASN B 148 6.70 4.28 11.24
CA ASN B 148 8.09 3.82 11.18
C ASN B 148 8.24 2.62 12.11
N THR B 149 7.25 1.78 12.05
CA THR B 149 7.31 0.50 12.68
C THR B 149 7.83 -0.46 11.65
N LYS B 150 8.97 -1.08 11.93
CA LYS B 150 9.45 -2.13 11.06
C LYS B 150 8.53 -3.34 11.16
N LEU B 151 7.83 -3.71 10.08
CA LEU B 151 6.86 -4.81 10.14
C LEU B 151 7.22 -5.98 9.24
N THR B 152 8.43 -5.95 8.73
CA THR B 152 8.99 -6.99 7.85
C THR B 152 8.80 -8.42 8.36
N GLY B 153 8.10 -9.24 7.60
CA GLY B 153 7.97 -10.63 7.95
C GLY B 153 6.94 -10.91 9.05
N ALA B 154 6.36 -9.86 9.61
CA ALA B 154 5.31 -10.04 10.62
C ALA B 154 4.05 -10.72 10.07
N SER B 155 3.32 -11.38 10.96
CA SER B 155 2.03 -11.99 10.62
C SER B 155 0.85 -11.19 11.16
N PHE B 156 -0.05 -10.79 10.25
CA PHE B 156 -1.36 -10.22 10.59
C PHE B 156 -2.49 -11.12 10.10
N ILE B 157 -2.19 -12.40 10.06
CA ILE B 157 -3.17 -13.39 9.63
C ILE B 157 -4.31 -13.41 10.63
N ASP B 158 -5.52 -13.17 10.13
CA ASP B 158 -6.70 -13.12 10.99
C ASP B 158 -6.63 -12.06 12.07
N ALA B 159 -5.64 -11.18 12.01
CA ALA B 159 -5.68 -10.02 12.90
C ALA B 159 -6.74 -9.08 12.35
N VAL B 160 -7.17 -8.12 13.16
CA VAL B 160 -8.23 -7.22 12.77
C VAL B 160 -8.00 -5.82 13.34
N ASN B 161 -8.37 -4.80 12.56
CA ASN B 161 -8.44 -3.41 13.02
C ASN B 161 -7.11 -2.67 12.95
N TYR B 162 -6.25 -3.19 12.09
CA TYR B 162 -4.91 -2.66 11.96
C TYR B 162 -4.83 -1.56 10.91
N HIS B 163 -4.40 -0.39 11.36
CA HIS B 163 -4.13 0.70 10.46
C HIS B 163 -2.64 0.87 10.31
N ILE B 164 -2.24 0.64 9.07
CA ILE B 164 -0.85 0.67 8.67
C ILE B 164 -0.79 1.43 7.35
N ASP B 165 -0.31 2.66 7.43
CA ASP B 165 0.09 3.47 6.30
C ASP B 165 1.34 2.79 5.70
N ILE B 166 1.21 2.26 4.49
CA ILE B 166 2.27 1.43 3.90
C ILE B 166 3.45 2.22 3.33
N PHE B 167 3.32 3.55 3.33
CA PHE B 167 4.42 4.43 2.93
C PHE B 167 5.35 4.76 4.08
N HIS B 168 4.90 4.51 5.30
CA HIS B 168 5.69 4.83 6.47
C HIS B 168 5.88 3.62 7.41
N ASN B 169 5.79 2.41 6.85
CA ASN B 169 5.96 1.19 7.64
C ASN B 169 6.36 0.11 6.67
N ASP B 170 7.51 -0.52 6.92
CA ASP B 170 8.01 -1.55 6.03
C ASP B 170 7.23 -2.84 6.28
N ILE B 171 6.49 -3.31 5.27
CA ILE B 171 5.73 -4.56 5.41
C ILE B 171 6.17 -5.66 4.44
N LYS B 172 7.36 -5.54 3.87
CA LYS B 172 7.94 -6.61 3.06
C LYS B 172 7.77 -7.98 3.72
N ARG B 173 7.16 -8.89 2.96
CA ARG B 173 7.03 -10.28 3.36
C ARG B 173 6.16 -10.48 4.59
N ALA B 174 5.39 -9.45 4.91
CA ALA B 174 4.41 -9.56 5.98
C ALA B 174 3.27 -10.43 5.47
N ARG B 175 2.77 -11.33 6.33
CA ARG B 175 1.64 -12.17 5.96
C ARG B 175 0.30 -11.55 6.36
N PHE B 176 -0.64 -11.53 5.43
CA PHE B 176 -1.93 -10.89 5.66
C PHE B 176 -3.10 -11.77 5.29
N SER B 177 -4.28 -11.38 5.75
CA SER B 177 -5.47 -12.12 5.37
C SER B 177 -6.45 -11.26 4.60
N LEU B 178 -7.25 -11.88 3.76
CA LEU B 178 -8.38 -11.19 3.18
C LEU B 178 -9.60 -11.48 4.03
N PRO B 179 -10.57 -10.54 4.04
CA PRO B 179 -10.54 -9.26 3.30
C PRO B 179 -9.82 -8.16 4.09
N GLU B 180 -9.49 -8.44 5.35
CA GLU B 180 -8.87 -7.46 6.24
C GLU B 180 -7.70 -6.69 5.59
N ALA B 181 -6.92 -7.37 4.76
CA ALA B 181 -5.73 -6.74 4.13
C ALA B 181 -6.03 -5.45 3.36
N ALA B 182 -7.29 -5.31 2.93
CA ALA B 182 -7.70 -4.21 2.05
C ALA B 182 -7.41 -2.85 2.65
N SER B 183 -7.47 -2.81 3.98
CA SER B 183 -7.20 -1.62 4.77
C SER B 183 -5.82 -1.04 4.46
N LEU B 184 -4.96 -1.88 3.89
CA LEU B 184 -3.62 -1.44 3.55
C LEU B 184 -3.66 -0.33 2.51
N LEU B 185 -4.73 -0.32 1.72
CA LEU B 185 -4.84 0.67 0.64
C LEU B 185 -5.30 2.03 1.15
N ASN B 186 -5.96 2.05 2.31
CA ASN B 186 -6.51 3.29 2.88
C ASN B 186 -5.50 4.42 2.86
N SER B 187 -4.24 4.06 3.00
CA SER B 187 -3.13 5.00 2.92
C SER B 187 -3.20 5.86 1.64
N LEU B 188 -3.67 5.25 0.55
CA LEU B 188 -4.00 5.95 -0.69
C LEU B 188 -5.43 6.45 -0.58
N ASP B 189 -5.71 7.66 -1.04
CA ASP B 189 -7.07 8.13 -0.93
C ASP B 189 -7.90 7.62 -2.09
N ILE B 190 -7.90 6.32 -2.31
CA ILE B 190 -8.52 5.78 -3.50
C ILE B 190 -9.98 5.40 -3.29
N GLU B 191 -10.78 5.55 -4.34
CA GLU B 191 -12.17 5.15 -4.30
C GLU B 191 -12.30 3.74 -4.86
N LEU B 192 -13.09 2.91 -4.21
CA LEU B 192 -13.16 1.48 -4.52
C LEU B 192 -14.51 0.95 -5.01
N SER B 193 -14.47 -0.12 -5.81
CA SER B 193 -15.60 -0.61 -6.61
C SER B 193 -16.52 0.52 -7.10
#